data_9JAH
#
_entry.id   9JAH
#
_cell.length_a   33.864
_cell.length_b   44.448
_cell.length_c   67.306
_cell.angle_alpha   72.26
_cell.angle_beta   84.44
_cell.angle_gamma   77.11
#
_symmetry.space_group_name_H-M   'P 1'
#
loop_
_entity.id
_entity.type
_entity.pdbx_description
1 polymer 'Guanylate kinase'
2 non-polymer "GUANOSINE-5'-MONOPHOSPHATE"
3 non-polymer 'PHOSPHOTHIOPHOSPHORIC ACID-ADENYLATE ESTER'
4 non-polymer 'POTASSIUM ION'
5 non-polymer GLYCEROL
#
_entity_poly.entity_id   1
_entity_poly.type   'polypeptide(L)'
_entity_poly.pdbx_seq_one_letter_code
;HMSGPRPVVLSGPSGAGKSTLLKRLLQEHSGIFGFSVSHTTRNPRPGEENGKDYYFVTREVMQRDIAAGDFIEHAEFSGN
LYGTSKVAVQAVQAMNRICVLDVDLQGVRNIKATDLRPIYISVQPPSLHVLEQRLRQRNTETEESLVKRLAAAQADMESS
KEPGLFDVVIINDSLDQAYAELKEALSEEIKKAQRTGA
;
_entity_poly.pdbx_strand_id   A,D
#
# COMPACT_ATOMS: atom_id res chain seq x y z
N PRO A 5 20.82 -14.01 -3.51
CA PRO A 5 19.57 -14.31 -4.19
C PRO A 5 18.64 -15.18 -3.34
N ARG A 6 17.61 -14.57 -2.76
CA ARG A 6 16.68 -15.26 -1.90
C ARG A 6 15.42 -15.65 -2.67
N PRO A 7 14.71 -16.69 -2.23
CA PRO A 7 13.42 -17.01 -2.83
C PRO A 7 12.42 -15.89 -2.58
N VAL A 8 11.32 -15.93 -3.34
CA VAL A 8 10.27 -14.91 -3.26
C VAL A 8 8.97 -15.59 -2.88
N VAL A 9 8.29 -15.04 -1.88
CA VAL A 9 7.00 -15.54 -1.42
C VAL A 9 5.96 -14.47 -1.67
N LEU A 10 5.00 -14.76 -2.54
CA LEU A 10 3.88 -13.87 -2.82
C LEU A 10 2.64 -14.40 -2.11
N SER A 11 1.93 -13.51 -1.41
CA SER A 11 0.73 -13.87 -0.70
C SER A 11 -0.29 -12.75 -0.86
N GLY A 12 -1.45 -12.94 -0.24
CA GLY A 12 -2.50 -11.95 -0.30
C GLY A 12 -3.86 -12.60 -0.40
N PRO A 13 -4.91 -11.77 -0.34
CA PRO A 13 -6.27 -12.31 -0.46
C PRO A 13 -6.49 -12.92 -1.84
N SER A 14 -7.40 -13.89 -1.89
CA SER A 14 -7.79 -14.48 -3.17
C SER A 14 -8.43 -13.42 -4.05
N GLY A 15 -7.94 -13.32 -5.29
CA GLY A 15 -8.41 -12.31 -6.22
C GLY A 15 -7.63 -11.02 -6.22
N ALA A 16 -6.63 -10.87 -5.34
CA ALA A 16 -5.85 -9.64 -5.30
C ALA A 16 -5.09 -9.42 -6.60
N GLY A 17 -4.53 -10.49 -7.16
CA GLY A 17 -3.77 -10.38 -8.39
C GLY A 17 -2.33 -10.85 -8.26
N LYS A 18 -2.06 -11.73 -7.30
CA LYS A 18 -0.71 -12.24 -7.14
C LYS A 18 -0.36 -13.25 -8.22
N SER A 19 -1.33 -14.06 -8.67
CA SER A 19 -1.07 -14.97 -9.77
C SER A 19 -0.87 -14.20 -11.07
N THR A 20 -1.61 -13.11 -11.27
CA THR A 20 -1.47 -12.31 -12.47
C THR A 20 -0.08 -11.67 -12.56
N LEU A 21 0.34 -11.00 -11.48
CA LEU A 21 1.65 -10.37 -11.47
C LEU A 21 2.76 -11.40 -11.59
N LEU A 22 2.57 -12.59 -11.02
CA LEU A 22 3.56 -13.65 -11.15
C LEU A 22 3.71 -14.11 -12.59
N LYS A 23 2.57 -14.26 -13.30
CA LYS A 23 2.63 -14.69 -14.69
C LYS A 23 3.36 -13.67 -15.57
N ARG A 24 3.08 -12.38 -15.35
CA ARG A 24 3.80 -11.34 -16.09
C ARG A 24 5.30 -11.38 -15.77
N LEU A 25 5.64 -11.57 -14.49
CA LEU A 25 7.04 -11.66 -14.09
C LEU A 25 7.72 -12.87 -14.72
N LEU A 26 7.04 -14.03 -14.71
CA LEU A 26 7.65 -15.25 -15.20
C LEU A 26 7.79 -15.28 -16.72
N GLN A 27 7.02 -14.46 -17.44
CA GLN A 27 7.15 -14.44 -18.89
C GLN A 27 8.25 -13.47 -19.33
N GLU A 28 8.32 -12.29 -18.71
CA GLU A 28 9.33 -11.31 -19.07
C GLU A 28 10.70 -11.64 -18.49
N HIS A 29 10.77 -12.45 -17.43
CA HIS A 29 12.01 -12.81 -16.77
C HIS A 29 12.12 -14.33 -16.64
N SER A 30 11.90 -15.03 -17.77
CA SER A 30 11.88 -16.49 -17.75
C SER A 30 13.22 -17.06 -17.32
N GLY A 31 14.32 -16.41 -17.69
CA GLY A 31 15.64 -16.89 -17.34
C GLY A 31 16.10 -16.60 -15.94
N ILE A 32 15.31 -15.85 -15.16
CA ILE A 32 15.71 -15.44 -13.82
C ILE A 32 14.88 -16.14 -12.74
N PHE A 33 13.56 -16.23 -12.95
CA PHE A 33 12.67 -16.78 -11.94
C PHE A 33 12.08 -18.11 -12.40
N GLY A 34 11.78 -18.97 -11.43
CA GLY A 34 11.11 -20.22 -11.68
C GLY A 34 9.97 -20.43 -10.71
N PHE A 35 8.77 -20.71 -11.23
CA PHE A 35 7.58 -20.79 -10.40
C PHE A 35 7.56 -22.10 -9.61
N SER A 36 7.24 -22.01 -8.32
CA SER A 36 7.06 -23.19 -7.48
C SER A 36 5.68 -23.77 -7.74
N VAL A 37 5.63 -24.94 -8.36
CA VAL A 37 4.35 -25.59 -8.67
C VAL A 37 3.93 -26.39 -7.44
N SER A 38 2.93 -25.89 -6.73
CA SER A 38 2.46 -26.52 -5.51
C SER A 38 1.50 -27.66 -5.81
N HIS A 39 1.25 -28.48 -4.80
CA HIS A 39 0.20 -29.49 -4.87
C HIS A 39 -1.13 -28.91 -4.39
N THR A 40 -2.21 -29.40 -4.96
CA THR A 40 -3.53 -28.99 -4.52
C THR A 40 -4.51 -30.14 -4.72
N THR A 41 -5.56 -30.16 -3.91
CA THR A 41 -6.61 -31.17 -4.01
C THR A 41 -7.84 -30.68 -4.77
N ARG A 42 -7.94 -29.37 -5.02
CA ARG A 42 -9.08 -28.84 -5.75
C ARG A 42 -9.00 -29.22 -7.23
N ASN A 43 -10.13 -29.12 -7.90
CA ASN A 43 -10.20 -29.45 -9.32
C ASN A 43 -9.50 -28.36 -10.14
N PRO A 44 -8.95 -28.72 -11.30
CA PRO A 44 -8.32 -27.70 -12.15
C PRO A 44 -9.36 -26.82 -12.83
N ARG A 45 -9.09 -25.51 -12.83
CA ARG A 45 -9.95 -24.57 -13.54
C ARG A 45 -9.74 -24.72 -15.04
N PRO A 46 -10.72 -24.29 -15.85
CA PRO A 46 -10.50 -24.26 -17.30
C PRO A 46 -9.29 -23.40 -17.65
N GLY A 47 -8.44 -23.94 -18.51
CA GLY A 47 -7.20 -23.30 -18.87
C GLY A 47 -6.03 -23.58 -17.95
N GLU A 48 -6.24 -24.30 -16.86
CA GLU A 48 -5.16 -24.68 -15.97
C GLU A 48 -4.57 -26.02 -16.41
N GLU A 49 -3.24 -26.10 -16.38
CA GLU A 49 -2.51 -27.29 -16.84
C GLU A 49 -1.82 -27.93 -15.66
N ASN A 50 -1.99 -29.24 -15.52
CA ASN A 50 -1.35 -29.98 -14.44
C ASN A 50 0.16 -30.01 -14.65
N GLY A 51 0.89 -29.71 -13.58
CA GLY A 51 2.34 -29.60 -13.61
C GLY A 51 2.86 -28.19 -13.74
N LYS A 52 2.06 -27.29 -14.31
CA LYS A 52 2.42 -25.88 -14.44
C LYS A 52 1.72 -25.02 -13.39
N ASP A 53 0.39 -25.00 -13.40
CA ASP A 53 -0.34 -24.22 -12.41
C ASP A 53 -0.27 -24.88 -11.04
N TYR A 54 -0.53 -26.19 -10.98
CA TYR A 54 -0.53 -26.94 -9.74
C TYR A 54 -0.24 -28.39 -10.06
N TYR A 55 0.14 -29.15 -9.03
CA TYR A 55 0.13 -30.60 -9.09
C TYR A 55 -1.23 -31.06 -8.59
N PHE A 56 -2.15 -31.32 -9.52
CA PHE A 56 -3.52 -31.67 -9.16
C PHE A 56 -3.57 -33.14 -8.75
N VAL A 57 -3.77 -33.38 -7.47
CA VAL A 57 -3.84 -34.73 -6.92
C VAL A 57 -5.11 -34.85 -6.08
N THR A 58 -5.55 -36.09 -5.88
CA THR A 58 -6.73 -36.33 -5.07
C THR A 58 -6.39 -36.16 -3.59
N ARG A 59 -7.45 -36.18 -2.76
CA ARG A 59 -7.26 -36.02 -1.33
C ARG A 59 -6.42 -37.15 -0.74
N GLU A 60 -6.62 -38.38 -1.24
CA GLU A 60 -5.85 -39.51 -0.73
C GLU A 60 -4.38 -39.39 -1.08
N VAL A 61 -4.07 -38.89 -2.29
CA VAL A 61 -2.68 -38.72 -2.68
C VAL A 61 -2.02 -37.63 -1.84
N MET A 62 -2.71 -36.52 -1.60
CA MET A 62 -2.15 -35.44 -0.81
C MET A 62 -1.83 -35.90 0.60
N GLN A 63 -2.76 -36.61 1.24
CA GLN A 63 -2.53 -37.08 2.60
C GLN A 63 -1.43 -38.14 2.63
N ARG A 64 -1.35 -38.98 1.60
CA ARG A 64 -0.27 -39.96 1.53
C ARG A 64 1.09 -39.27 1.45
N ASP A 65 1.18 -38.20 0.65
CA ASP A 65 2.44 -37.47 0.54
C ASP A 65 2.78 -36.73 1.82
N ILE A 66 1.77 -36.17 2.50
CA ILE A 66 2.01 -35.46 3.74
C ILE A 66 2.64 -36.38 4.78
N ALA A 67 2.13 -37.61 4.89
CA ALA A 67 2.72 -38.59 5.80
C ALA A 67 4.15 -38.93 5.37
N ALA A 68 4.39 -39.03 4.07
CA ALA A 68 5.73 -39.35 3.56
C ALA A 68 6.72 -38.21 3.76
N GLY A 69 6.26 -37.02 4.15
CA GLY A 69 7.15 -35.90 4.36
C GLY A 69 7.57 -35.17 3.10
N ASP A 70 6.79 -35.25 2.03
CA ASP A 70 7.15 -34.63 0.77
C ASP A 70 6.97 -33.11 0.77
N PHE A 71 6.29 -32.55 1.77
CA PHE A 71 5.90 -31.14 1.75
C PHE A 71 6.70 -30.34 2.75
N ILE A 72 7.25 -29.21 2.31
CA ILE A 72 7.82 -28.23 3.24
C ILE A 72 6.72 -27.66 4.13
N GLU A 73 5.59 -27.28 3.52
CA GLU A 73 4.47 -26.72 4.24
C GLU A 73 3.18 -27.17 3.57
N HIS A 74 2.10 -27.19 4.35
CA HIS A 74 0.80 -27.50 3.79
C HIS A 74 -0.28 -26.89 4.68
N ALA A 75 -1.42 -26.60 4.07
CA ALA A 75 -2.54 -25.97 4.78
C ALA A 75 -3.81 -26.25 4.00
N GLU A 76 -4.94 -25.97 4.63
CA GLU A 76 -6.24 -26.10 3.99
C GLU A 76 -6.82 -24.72 3.74
N PHE A 77 -7.51 -24.57 2.61
CA PHE A 77 -8.08 -23.30 2.20
C PHE A 77 -9.38 -23.57 1.47
N SER A 78 -10.49 -23.09 2.04
CA SER A 78 -11.82 -23.26 1.45
C SER A 78 -12.13 -24.74 1.20
N GLY A 79 -11.85 -25.56 2.21
CA GLY A 79 -12.12 -26.99 2.10
C GLY A 79 -11.30 -27.72 1.06
N ASN A 80 -10.06 -27.30 0.84
CA ASN A 80 -9.16 -27.99 -0.08
C ASN A 80 -7.74 -27.82 0.40
N LEU A 81 -6.91 -28.83 0.12
CA LEU A 81 -5.55 -28.88 0.63
C LEU A 81 -4.57 -28.30 -0.37
N TYR A 82 -3.61 -27.51 0.14
CA TYR A 82 -2.54 -26.96 -0.66
C TYR A 82 -1.21 -27.24 0.04
N GLY A 83 -0.13 -27.27 -0.72
CA GLY A 83 1.16 -27.54 -0.13
C GLY A 83 2.35 -27.23 -1.02
N THR A 84 3.41 -26.70 -0.43
CA THR A 84 4.67 -26.49 -1.14
C THR A 84 5.56 -27.70 -0.91
N SER A 85 5.72 -28.52 -1.93
CA SER A 85 6.51 -29.73 -1.81
C SER A 85 8.00 -29.42 -1.90
N LYS A 86 8.81 -30.26 -1.26
CA LYS A 86 10.26 -30.11 -1.34
C LYS A 86 10.74 -30.25 -2.79
N VAL A 87 10.19 -31.21 -3.53
CA VAL A 87 10.61 -31.42 -4.91
C VAL A 87 10.28 -30.21 -5.78
N ALA A 88 9.24 -29.46 -5.43
CA ALA A 88 8.90 -28.27 -6.19
C ALA A 88 9.97 -27.20 -6.06
N VAL A 89 10.49 -27.00 -4.85
CA VAL A 89 11.55 -26.01 -4.65
C VAL A 89 12.87 -26.51 -5.21
N GLN A 90 13.19 -27.79 -5.00
CA GLN A 90 14.44 -28.34 -5.50
C GLN A 90 14.48 -28.35 -7.03
N ALA A 91 13.32 -28.48 -7.67
CA ALA A 91 13.28 -28.43 -9.13
C ALA A 91 13.75 -27.07 -9.65
N VAL A 92 13.28 -25.99 -9.03
CA VAL A 92 13.70 -24.65 -9.44
C VAL A 92 15.17 -24.44 -9.13
N GLN A 93 15.64 -24.98 -8.01
CA GLN A 93 17.05 -24.84 -7.65
C GLN A 93 17.95 -25.56 -8.66
N ALA A 94 17.49 -26.71 -9.16
CA ALA A 94 18.25 -27.44 -10.18
C ALA A 94 18.31 -26.69 -11.50
N MET A 95 17.42 -25.73 -11.73
CA MET A 95 17.44 -24.93 -12.94
C MET A 95 18.24 -23.65 -12.79
N ASN A 96 18.85 -23.43 -11.63
CA ASN A 96 19.60 -22.20 -11.34
C ASN A 96 18.71 -20.96 -11.53
N ARG A 97 17.59 -20.96 -10.82
CA ARG A 97 16.62 -19.89 -10.91
C ARG A 97 16.12 -19.53 -9.52
N ILE A 98 15.59 -18.32 -9.40
CA ILE A 98 15.00 -17.86 -8.14
C ILE A 98 13.61 -18.45 -8.02
N CYS A 99 13.38 -19.22 -6.97
CA CYS A 99 12.07 -19.83 -6.76
C CYS A 99 11.08 -18.78 -6.28
N VAL A 100 9.91 -18.74 -6.91
CA VAL A 100 8.83 -17.83 -6.53
C VAL A 100 7.65 -18.67 -6.09
N LEU A 101 7.04 -18.30 -4.96
CA LEU A 101 5.96 -19.07 -4.37
C LEU A 101 4.71 -18.20 -4.24
N ASP A 102 3.55 -18.86 -4.27
CA ASP A 102 2.24 -18.20 -4.19
C ASP A 102 1.43 -18.97 -3.15
N VAL A 103 1.54 -18.56 -1.89
CA VAL A 103 0.92 -19.27 -0.77
C VAL A 103 0.00 -18.31 -0.03
N ASP A 104 -0.75 -18.86 0.92
CA ASP A 104 -1.67 -18.08 1.73
C ASP A 104 -0.94 -17.54 2.96
N LEU A 105 -1.68 -16.87 3.84
CA LEU A 105 -1.09 -16.38 5.09
C LEU A 105 -0.58 -17.53 5.95
N GLN A 106 -1.33 -18.62 6.01
CA GLN A 106 -0.90 -19.78 6.79
C GLN A 106 0.40 -20.34 6.27
N GLY A 107 0.55 -20.41 4.95
CA GLY A 107 1.82 -20.84 4.38
C GLY A 107 2.95 -19.87 4.67
N VAL A 108 2.64 -18.58 4.66
CA VAL A 108 3.66 -17.56 4.93
C VAL A 108 4.29 -17.78 6.29
N ARG A 109 3.45 -17.98 7.31
CA ARG A 109 3.97 -18.24 8.65
C ARG A 109 4.69 -19.59 8.70
N ASN A 110 4.19 -20.58 7.98
CA ASN A 110 4.88 -21.86 7.90
C ASN A 110 6.26 -21.70 7.26
N ILE A 111 6.34 -20.92 6.18
CA ILE A 111 7.63 -20.68 5.53
C ILE A 111 8.56 -19.92 6.47
N LYS A 112 8.01 -19.01 7.28
CA LYS A 112 8.81 -18.33 8.29
C LYS A 112 9.51 -19.32 9.22
N ALA A 113 8.87 -20.47 9.46
CA ALA A 113 9.47 -21.50 10.30
C ALA A 113 10.57 -22.29 9.60
N THR A 114 10.59 -22.30 8.27
CA THR A 114 11.55 -23.08 7.52
C THR A 114 12.87 -22.31 7.40
N ASP A 115 13.76 -22.79 6.54
CA ASP A 115 15.05 -22.16 6.28
C ASP A 115 15.15 -21.63 4.86
N LEU A 116 14.04 -21.53 4.13
CA LEU A 116 14.09 -21.06 2.75
C LEU A 116 14.61 -19.63 2.63
N ARG A 117 14.49 -18.84 3.71
CA ARG A 117 15.00 -17.47 3.75
C ARG A 117 14.49 -16.62 2.59
N PRO A 118 13.16 -16.48 2.44
CA PRO A 118 12.63 -15.74 1.29
C PRO A 118 12.43 -14.27 1.56
N ILE A 119 11.96 -13.54 0.55
CA ILE A 119 11.48 -12.17 0.70
C ILE A 119 9.97 -12.20 0.55
N TYR A 120 9.27 -11.65 1.52
CA TYR A 120 7.81 -11.74 1.60
C TYR A 120 7.19 -10.49 1.01
N ILE A 121 6.32 -10.68 0.01
CA ILE A 121 5.58 -9.60 -0.62
C ILE A 121 4.10 -9.92 -0.54
N SER A 122 3.30 -8.94 -0.13
CA SER A 122 1.86 -9.10 0.02
C SER A 122 1.17 -8.25 -1.05
N VAL A 123 0.51 -8.91 -2.00
CA VAL A 123 -0.29 -8.22 -2.99
C VAL A 123 -1.67 -7.96 -2.40
N GLN A 124 -2.00 -6.68 -2.24
CA GLN A 124 -3.22 -6.29 -1.55
C GLN A 124 -4.19 -5.60 -2.51
N PRO A 125 -5.48 -5.77 -2.30
CA PRO A 125 -6.47 -5.03 -3.09
C PRO A 125 -6.48 -3.57 -2.69
N PRO A 126 -6.91 -2.67 -3.59
CA PRO A 126 -7.11 -1.27 -3.18
C PRO A 126 -8.11 -1.15 -2.05
N SER A 127 -9.12 -2.00 -2.04
CA SER A 127 -10.09 -2.08 -0.95
C SER A 127 -10.78 -3.43 -1.03
N LEU A 128 -11.50 -3.79 0.04
CA LEU A 128 -12.24 -5.03 0.03
C LEU A 128 -13.42 -5.01 -0.94
N HIS A 129 -13.95 -3.82 -1.26
CA HIS A 129 -15.06 -3.74 -2.19
C HIS A 129 -14.65 -4.19 -3.58
N VAL A 130 -13.53 -3.66 -4.10
CA VAL A 130 -13.08 -4.04 -5.42
C VAL A 130 -12.61 -5.49 -5.46
N LEU A 131 -12.22 -6.05 -4.31
CA LEU A 131 -11.81 -7.46 -4.29
C LEU A 131 -12.97 -8.38 -4.65
N GLU A 132 -14.17 -8.08 -4.17
CA GLU A 132 -15.33 -8.89 -4.50
C GLU A 132 -15.62 -8.84 -5.99
N GLN A 133 -15.54 -7.65 -6.60
CA GLN A 133 -15.76 -7.53 -8.04
C GLN A 133 -14.67 -8.27 -8.81
N ARG A 134 -13.42 -8.22 -8.33
CA ARG A 134 -12.36 -8.99 -8.95
C ARG A 134 -12.64 -10.48 -8.84
N LEU A 135 -13.11 -10.94 -7.68
CA LEU A 135 -13.46 -12.35 -7.52
C LEU A 135 -14.70 -12.72 -8.32
N ARG A 136 -15.66 -11.81 -8.43
CA ARG A 136 -16.87 -12.08 -9.20
C ARG A 136 -16.62 -12.06 -10.71
N GLN A 137 -15.56 -11.39 -11.16
CA GLN A 137 -15.27 -11.33 -12.58
C GLN A 137 -14.75 -12.67 -13.10
N ARG A 138 -13.96 -13.38 -12.28
CA ARG A 138 -13.39 -14.64 -12.71
C ARG A 138 -14.42 -15.75 -12.77
N ASN A 139 -15.42 -15.71 -11.88
CA ASN A 139 -16.58 -16.60 -11.83
C ASN A 139 -16.23 -18.05 -11.50
N THR A 140 -14.96 -18.36 -11.22
CA THR A 140 -14.59 -19.73 -10.88
C THR A 140 -15.09 -20.14 -9.50
N GLU A 141 -15.49 -19.18 -8.67
CA GLU A 141 -15.97 -19.46 -7.33
C GLU A 141 -17.49 -19.43 -7.30
N THR A 142 -18.08 -20.48 -6.72
CA THR A 142 -19.51 -20.45 -6.47
C THR A 142 -19.80 -19.43 -5.37
N GLU A 143 -21.08 -19.06 -5.24
CA GLU A 143 -21.46 -18.04 -4.26
C GLU A 143 -21.08 -18.44 -2.85
N GLU A 144 -21.12 -19.74 -2.54
CA GLU A 144 -20.73 -20.20 -1.21
C GLU A 144 -19.23 -20.10 -1.01
N SER A 145 -18.45 -20.56 -2.00
CA SER A 145 -16.99 -20.49 -1.87
C SER A 145 -16.48 -19.06 -1.96
N LEU A 146 -17.20 -18.19 -2.69
CA LEU A 146 -16.81 -16.78 -2.75
C LEU A 146 -16.88 -16.13 -1.38
N VAL A 147 -17.93 -16.41 -0.62
CA VAL A 147 -18.09 -15.82 0.70
C VAL A 147 -16.97 -16.29 1.63
N LYS A 148 -16.58 -17.57 1.52
CA LYS A 148 -15.52 -18.10 2.36
C LYS A 148 -14.19 -17.43 2.05
N ARG A 149 -13.89 -17.21 0.77
CA ARG A 149 -12.65 -16.53 0.40
C ARG A 149 -12.70 -15.06 0.78
N LEU A 150 -13.86 -14.42 0.62
CA LEU A 150 -13.99 -13.01 1.01
C LEU A 150 -13.84 -12.84 2.52
N ALA A 151 -14.40 -13.77 3.30
CA ALA A 151 -14.26 -13.69 4.75
C ALA A 151 -12.81 -13.83 5.18
N ALA A 152 -12.09 -14.79 4.59
CA ALA A 152 -10.67 -14.96 4.92
C ALA A 152 -9.82 -13.82 4.41
N ALA A 153 -10.31 -13.04 3.43
CA ALA A 153 -9.52 -11.95 2.87
C ALA A 153 -9.29 -10.85 3.90
N GLN A 154 -10.30 -10.49 4.68
CA GLN A 154 -10.15 -9.45 5.67
C GLN A 154 -9.11 -9.83 6.72
N ALA A 155 -9.10 -11.10 7.13
CA ALA A 155 -8.06 -11.57 8.03
C ALA A 155 -6.68 -11.46 7.41
N ASP A 156 -6.58 -11.74 6.10
CA ASP A 156 -5.31 -11.58 5.41
C ASP A 156 -4.93 -10.10 5.29
N MET A 157 -5.91 -9.24 5.00
CA MET A 157 -5.63 -7.81 4.92
C MET A 157 -5.17 -7.25 6.26
N GLU A 158 -5.82 -7.68 7.34
CA GLU A 158 -5.43 -7.20 8.67
C GLU A 158 -4.01 -7.64 9.03
N SER A 159 -3.67 -8.90 8.71
CA SER A 159 -2.34 -9.41 9.04
C SER A 159 -1.25 -8.81 8.16
N SER A 160 -1.61 -8.22 7.02
CA SER A 160 -0.61 -7.58 6.17
C SER A 160 0.01 -6.36 6.82
N LYS A 161 -0.64 -5.77 7.82
CA LYS A 161 -0.10 -4.63 8.55
C LYS A 161 0.73 -5.04 9.75
N GLU A 162 0.89 -6.34 9.98
CA GLU A 162 1.71 -6.80 11.11
C GLU A 162 3.17 -6.45 10.85
N PRO A 163 3.85 -5.82 11.80
CA PRO A 163 5.23 -5.37 11.56
C PRO A 163 6.18 -6.55 11.42
N GLY A 164 6.93 -6.56 10.30
CA GLY A 164 7.92 -7.59 10.05
C GLY A 164 7.40 -8.81 9.31
N LEU A 165 6.09 -8.94 9.11
CA LEU A 165 5.57 -10.12 8.42
C LEU A 165 5.88 -10.07 6.93
N PHE A 166 5.69 -8.93 6.29
CA PHE A 166 5.92 -8.76 4.87
C PHE A 166 6.99 -7.71 4.61
N ASP A 167 7.90 -8.01 3.69
CA ASP A 167 8.93 -7.04 3.32
C ASP A 167 8.35 -5.90 2.46
N VAL A 168 7.48 -6.24 1.52
CA VAL A 168 6.87 -5.27 0.62
C VAL A 168 5.38 -5.53 0.55
N VAL A 169 4.59 -4.47 0.64
CA VAL A 169 3.14 -4.52 0.41
C VAL A 169 2.86 -3.74 -0.86
N ILE A 170 2.19 -4.39 -1.81
CA ILE A 170 1.87 -3.79 -3.10
C ILE A 170 0.36 -3.71 -3.24
N ILE A 171 -0.14 -2.50 -3.45
CA ILE A 171 -1.57 -2.27 -3.66
C ILE A 171 -1.84 -2.40 -5.16
N ASN A 172 -2.75 -3.32 -5.52
CA ASN A 172 -2.95 -3.67 -6.92
C ASN A 172 -4.12 -2.88 -7.50
N ASP A 173 -3.93 -1.56 -7.57
CA ASP A 173 -4.89 -0.71 -8.26
C ASP A 173 -4.62 -0.71 -9.76
N SER A 174 -3.43 -0.30 -10.16
CA SER A 174 -3.02 -0.33 -11.57
C SER A 174 -2.08 -1.52 -11.76
N LEU A 175 -2.43 -2.40 -12.69
CA LEU A 175 -1.65 -3.61 -12.90
C LEU A 175 -0.23 -3.28 -13.39
N ASP A 176 -0.11 -2.32 -14.31
CA ASP A 176 1.21 -1.87 -14.75
C ASP A 176 1.99 -1.28 -13.59
N GLN A 177 1.32 -0.46 -12.76
CA GLN A 177 1.99 0.12 -11.59
C GLN A 177 2.35 -0.95 -10.58
N ALA A 178 1.44 -1.91 -10.35
CA ALA A 178 1.73 -2.99 -9.41
C ALA A 178 2.90 -3.84 -9.87
N TYR A 179 2.96 -4.13 -11.18
CA TYR A 179 4.10 -4.85 -11.73
C TYR A 179 5.38 -4.01 -11.67
N ALA A 180 5.26 -2.70 -11.84
CA ALA A 180 6.43 -1.83 -11.69
C ALA A 180 6.94 -1.85 -10.26
N GLU A 181 6.04 -1.82 -9.28
CA GLU A 181 6.45 -1.92 -7.88
C GLU A 181 6.99 -3.30 -7.55
N LEU A 182 6.56 -4.33 -8.27
CA LEU A 182 7.09 -5.67 -8.06
C LEU A 182 8.52 -5.78 -8.57
N LYS A 183 8.80 -5.25 -9.76
CA LYS A 183 10.15 -5.29 -10.30
C LYS A 183 11.12 -4.51 -9.44
N GLU A 184 10.72 -3.32 -8.99
CA GLU A 184 11.60 -2.50 -8.16
C GLU A 184 11.89 -3.20 -6.83
N ALA A 185 10.88 -3.82 -6.24
CA ALA A 185 11.11 -4.57 -5.00
C ALA A 185 12.07 -5.73 -5.21
N LEU A 186 12.10 -6.29 -6.42
CA LEU A 186 13.02 -7.36 -6.77
C LEU A 186 14.25 -6.86 -7.51
N SER A 187 14.51 -5.55 -7.50
CA SER A 187 15.64 -5.00 -8.24
C SER A 187 16.95 -5.61 -7.77
N GLU A 188 17.17 -5.63 -6.45
CA GLU A 188 18.39 -6.24 -5.92
C GLU A 188 18.37 -7.76 -6.06
N GLU A 189 17.18 -8.36 -6.05
CA GLU A 189 17.07 -9.80 -6.31
C GLU A 189 17.45 -10.12 -7.74
N ILE A 190 16.92 -9.37 -8.70
CA ILE A 190 17.28 -9.56 -10.10
C ILE A 190 18.74 -9.18 -10.32
N LYS A 191 19.21 -8.12 -9.66
CA LYS A 191 20.60 -7.72 -9.78
C LYS A 191 21.53 -8.80 -9.25
N LYS A 192 21.21 -9.36 -8.08
CA LYS A 192 22.06 -10.38 -7.49
C LYS A 192 22.04 -11.66 -8.32
N ALA A 193 20.87 -12.02 -8.87
CA ALA A 193 20.79 -13.20 -9.72
C ALA A 193 21.65 -13.06 -10.96
N GLN A 194 21.58 -11.89 -11.61
CA GLN A 194 22.42 -11.62 -12.78
C GLN A 194 23.87 -11.34 -12.40
N ARG A 195 24.13 -10.93 -11.16
CA ARG A 195 25.50 -10.75 -10.70
C ARG A 195 26.22 -12.07 -10.52
N THR A 196 25.48 -13.16 -10.30
CA THR A 196 26.05 -14.48 -10.00
C THR A 196 27.12 -14.42 -8.91
N PRO B 5 -11.32 12.10 19.30
CA PRO B 5 -11.49 11.75 17.89
C PRO B 5 -10.17 11.44 17.20
N ARG B 6 -10.09 10.30 16.52
CA ARG B 6 -8.85 9.89 15.88
C ARG B 6 -8.51 10.85 14.74
N PRO B 7 -7.30 11.40 14.71
CA PRO B 7 -6.95 12.35 13.65
C PRO B 7 -6.78 11.65 12.31
N VAL B 8 -6.71 12.46 11.26
CA VAL B 8 -6.52 11.99 9.89
C VAL B 8 -5.32 12.71 9.30
N VAL B 9 -4.39 11.95 8.72
CA VAL B 9 -3.20 12.51 8.09
C VAL B 9 -3.30 12.27 6.59
N LEU B 10 -3.23 13.36 5.82
CA LEU B 10 -3.23 13.30 4.36
C LEU B 10 -1.85 13.71 3.86
N SER B 11 -1.25 12.85 3.06
CA SER B 11 0.10 13.11 2.55
C SER B 11 0.24 12.53 1.15
N GLY B 12 1.24 13.04 0.43
CA GLY B 12 1.50 12.60 -0.92
C GLY B 12 2.28 13.66 -1.69
N PRO B 13 2.51 13.39 -2.97
CA PRO B 13 3.20 14.39 -3.81
C PRO B 13 2.39 15.67 -3.92
N SER B 14 3.11 16.78 -4.07
CA SER B 14 2.46 18.06 -4.27
C SER B 14 1.69 18.05 -5.59
N GLY B 15 0.38 18.25 -5.51
CA GLY B 15 -0.48 18.29 -6.68
C GLY B 15 -1.31 17.04 -6.91
N ALA B 16 -1.15 16.00 -6.09
CA ALA B 16 -1.94 14.79 -6.26
C ALA B 16 -3.42 15.00 -5.96
N GLY B 17 -3.78 16.11 -5.34
CA GLY B 17 -5.15 16.41 -5.01
C GLY B 17 -5.48 16.41 -3.52
N LYS B 18 -4.48 16.48 -2.65
CA LYS B 18 -4.73 16.44 -1.21
C LYS B 18 -5.58 17.64 -0.77
N SER B 19 -5.19 18.84 -1.21
CA SER B 19 -5.92 20.05 -0.81
C SER B 19 -7.35 20.03 -1.33
N THR B 20 -7.53 19.60 -2.58
CA THR B 20 -8.87 19.57 -3.16
C THR B 20 -9.75 18.55 -2.46
N LEU B 21 -9.21 17.37 -2.16
CA LEU B 21 -9.97 16.37 -1.41
C LEU B 21 -10.31 16.88 -0.01
N LEU B 22 -9.35 17.55 0.63
CA LEU B 22 -9.58 18.08 1.97
C LEU B 22 -10.69 19.12 1.98
N LYS B 23 -10.66 20.05 1.01
CA LYS B 23 -11.67 21.08 0.95
C LYS B 23 -13.05 20.50 0.67
N ARG B 24 -13.13 19.50 -0.22
CA ARG B 24 -14.40 18.87 -0.52
C ARG B 24 -14.95 18.11 0.68
N LEU B 25 -14.06 17.49 1.46
CA LEU B 25 -14.48 16.81 2.68
C LEU B 25 -15.06 17.79 3.70
N LEU B 26 -14.41 18.95 3.85
CA LEU B 26 -14.84 19.92 4.86
C LEU B 26 -16.22 20.50 4.55
N GLN B 27 -16.47 20.82 3.28
CA GLN B 27 -17.73 21.47 2.93
C GLN B 27 -18.91 20.55 3.14
N GLU B 28 -18.77 19.26 2.80
CA GLU B 28 -19.87 18.33 3.00
C GLU B 28 -20.02 17.90 4.45
N HIS B 29 -18.98 18.05 5.27
CA HIS B 29 -19.04 17.75 6.70
C HIS B 29 -18.46 18.97 7.43
N SER B 30 -19.31 19.96 7.69
CA SER B 30 -18.83 21.23 8.23
C SER B 30 -18.42 21.12 9.69
N GLY B 31 -19.36 20.70 10.55
CA GLY B 31 -19.10 20.59 11.96
C GLY B 31 -18.36 19.33 12.38
N ILE B 32 -18.07 18.44 11.43
CA ILE B 32 -17.42 17.17 11.78
C ILE B 32 -15.92 17.35 11.93
N PHE B 33 -15.27 17.97 10.94
CA PHE B 33 -13.82 18.01 10.86
C PHE B 33 -13.28 19.38 11.19
N GLY B 34 -11.95 19.43 11.35
CA GLY B 34 -11.23 20.66 11.54
C GLY B 34 -9.82 20.54 11.00
N PHE B 35 -9.42 21.47 10.14
CA PHE B 35 -8.12 21.42 9.47
C PHE B 35 -7.04 22.02 10.36
N SER B 36 -5.94 21.29 10.51
CA SER B 36 -4.81 21.79 11.28
C SER B 36 -4.05 22.83 10.45
N VAL B 37 -4.00 24.06 10.94
CA VAL B 37 -3.37 25.15 10.20
C VAL B 37 -1.87 25.12 10.51
N SER B 38 -1.09 24.59 9.56
CA SER B 38 0.34 24.51 9.74
C SER B 38 1.00 25.85 9.49
N HIS B 39 2.17 26.05 10.10
CA HIS B 39 2.97 27.23 9.84
C HIS B 39 3.80 27.05 8.58
N THR B 40 4.13 28.17 7.94
CA THR B 40 4.95 28.12 6.74
C THR B 40 5.71 29.42 6.58
N THR B 41 6.82 29.37 5.85
CA THR B 41 7.61 30.54 5.51
C THR B 41 7.48 30.93 4.05
N ARG B 42 6.66 30.23 3.27
CA ARG B 42 6.49 30.59 1.87
C ARG B 42 5.44 31.70 1.74
N ASN B 43 5.48 32.37 0.59
CA ASN B 43 4.52 33.43 0.33
C ASN B 43 3.13 32.84 0.08
N PRO B 44 2.07 33.54 0.48
CA PRO B 44 0.72 33.02 0.27
C PRO B 44 0.33 33.10 -1.19
N ARG B 45 -0.25 32.01 -1.70
CA ARG B 45 -0.79 32.00 -3.05
C ARG B 45 -2.05 32.86 -3.10
N PRO B 46 -2.43 33.34 -4.29
CA PRO B 46 -3.67 34.13 -4.39
C PRO B 46 -4.86 33.34 -3.88
N GLY B 47 -5.71 34.03 -3.11
CA GLY B 47 -6.87 33.42 -2.51
C GLY B 47 -6.65 32.79 -1.15
N GLU B 48 -5.39 32.59 -0.74
CA GLU B 48 -5.11 32.00 0.54
C GLU B 48 -5.23 33.03 1.66
N GLU B 49 -5.77 32.58 2.79
CA GLU B 49 -6.02 33.45 3.94
C GLU B 49 -5.15 32.99 5.11
N ASN B 50 -4.48 33.95 5.75
CA ASN B 50 -3.67 33.63 6.91
C ASN B 50 -4.57 33.18 8.06
N GLY B 51 -4.17 32.11 8.73
CA GLY B 51 -4.93 31.52 9.81
C GLY B 51 -5.90 30.44 9.39
N LYS B 52 -6.22 30.33 8.11
CA LYS B 52 -7.06 29.25 7.59
C LYS B 52 -6.27 28.23 6.79
N ASP B 53 -5.47 28.67 5.83
CA ASP B 53 -4.64 27.75 5.04
C ASP B 53 -3.28 27.53 5.70
N TYR B 54 -2.65 28.60 6.16
CA TYR B 54 -1.35 28.53 6.81
C TYR B 54 -1.20 29.72 7.75
N TYR B 55 -0.21 29.61 8.64
CA TYR B 55 0.28 30.75 9.40
C TYR B 55 1.48 31.30 8.64
N PHE B 56 1.25 32.30 7.79
CA PHE B 56 2.31 32.85 6.93
C PHE B 56 3.21 33.73 7.78
N VAL B 57 4.37 33.20 8.15
CA VAL B 57 5.31 33.87 9.02
C VAL B 57 6.66 33.95 8.31
N THR B 58 7.53 34.82 8.84
CA THR B 58 8.88 34.94 8.31
C THR B 58 9.73 33.78 8.81
N ARG B 59 10.88 33.58 8.13
CA ARG B 59 11.79 32.52 8.53
C ARG B 59 12.38 32.78 9.90
N GLU B 60 12.53 34.04 10.29
CA GLU B 60 13.04 34.36 11.62
C GLU B 60 12.02 34.03 12.70
N VAL B 61 10.75 34.37 12.45
CA VAL B 61 9.68 34.03 13.39
C VAL B 61 9.52 32.51 13.48
N MET B 62 9.61 31.82 12.34
CA MET B 62 9.46 30.37 12.33
C MET B 62 10.54 29.70 13.17
N GLN B 63 11.79 30.17 13.06
CA GLN B 63 12.86 29.59 13.85
C GLN B 63 12.68 29.87 15.34
N ARG B 64 12.09 31.01 15.70
CA ARG B 64 11.83 31.29 17.10
C ARG B 64 10.82 30.32 17.70
N ASP B 65 9.78 29.98 16.93
CA ASP B 65 8.80 29.02 17.42
C ASP B 65 9.38 27.62 17.54
N ILE B 66 10.29 27.25 16.63
CA ILE B 66 10.95 25.94 16.74
C ILE B 66 11.82 25.90 17.99
N ALA B 67 12.57 26.98 18.25
CA ALA B 67 13.44 27.00 19.43
C ALA B 67 12.63 26.99 20.72
N ALA B 68 11.40 27.51 20.68
CA ALA B 68 10.51 27.49 21.83
C ALA B 68 9.72 26.18 21.94
N GLY B 69 9.92 25.25 21.02
CA GLY B 69 9.22 23.97 21.07
C GLY B 69 7.73 24.07 20.82
N ASP B 70 7.31 24.91 19.89
CA ASP B 70 5.90 25.11 19.60
C ASP B 70 5.34 24.10 18.60
N PHE B 71 6.19 23.30 17.98
CA PHE B 71 5.79 22.43 16.88
C PHE B 71 5.86 20.97 17.30
N ILE B 72 4.81 20.21 16.97
CA ILE B 72 4.88 18.76 17.05
C ILE B 72 5.96 18.24 16.11
N GLU B 73 6.00 18.78 14.88
CA GLU B 73 6.98 18.41 13.88
C GLU B 73 7.22 19.60 12.97
N HIS B 74 8.38 19.61 12.33
CA HIS B 74 8.66 20.62 11.31
C HIS B 74 9.63 20.03 10.30
N ALA B 75 9.62 20.60 9.10
CA ALA B 75 10.35 20.03 7.98
C ALA B 75 10.69 21.12 6.98
N GLU B 76 11.53 20.76 6.00
CA GLU B 76 11.90 21.65 4.92
C GLU B 76 11.39 21.07 3.61
N PHE B 77 10.80 21.92 2.78
CA PHE B 77 10.24 21.52 1.50
C PHE B 77 10.49 22.64 0.49
N SER B 78 11.28 22.35 -0.54
CA SER B 78 11.60 23.31 -1.60
C SER B 78 12.18 24.60 -1.02
N GLY B 79 13.05 24.47 -0.03
CA GLY B 79 13.70 25.63 0.55
C GLY B 79 12.84 26.46 1.47
N ASN B 80 11.75 25.90 1.98
CA ASN B 80 10.86 26.61 2.87
C ASN B 80 10.54 25.74 4.08
N LEU B 81 10.18 26.39 5.18
CA LEU B 81 9.94 25.71 6.45
C LEU B 81 8.45 25.45 6.63
N TYR B 82 8.11 24.22 6.97
CA TYR B 82 6.75 23.80 7.27
C TYR B 82 6.73 23.11 8.62
N GLY B 83 5.66 23.31 9.38
CA GLY B 83 5.54 22.69 10.68
C GLY B 83 4.11 22.67 11.18
N THR B 84 3.78 21.64 11.95
CA THR B 84 2.48 21.51 12.59
C THR B 84 2.63 21.92 14.05
N SER B 85 2.09 23.09 14.40
CA SER B 85 2.23 23.60 15.75
C SER B 85 1.35 22.84 16.72
N LYS B 86 1.77 22.82 17.99
CA LYS B 86 0.93 22.25 19.04
C LYS B 86 -0.38 22.99 19.17
N VAL B 87 -0.36 24.30 18.95
CA VAL B 87 -1.60 25.09 19.01
C VAL B 87 -2.58 24.61 17.95
N ALA B 88 -2.09 24.37 16.73
CA ALA B 88 -2.98 24.00 15.63
C ALA B 88 -3.75 22.71 15.92
N VAL B 89 -3.05 21.70 16.46
CA VAL B 89 -3.74 20.46 16.82
C VAL B 89 -4.64 20.68 18.03
N GLN B 90 -4.13 21.37 19.06
CA GLN B 90 -4.90 21.57 20.27
C GLN B 90 -6.14 22.44 20.02
N ALA B 91 -6.06 23.36 19.08
CA ALA B 91 -7.23 24.19 18.76
C ALA B 91 -8.36 23.34 18.20
N VAL B 92 -8.04 22.34 17.36
CA VAL B 92 -9.07 21.52 16.76
C VAL B 92 -9.72 20.61 17.80
N GLN B 93 -8.91 19.99 18.67
CA GLN B 93 -9.49 19.10 19.68
C GLN B 93 -10.21 19.87 20.77
N ALA B 94 -9.95 21.17 20.91
CA ALA B 94 -10.74 22.01 21.80
C ALA B 94 -12.11 22.33 21.22
N MET B 95 -12.39 21.92 19.98
CA MET B 95 -13.70 22.06 19.38
C MET B 95 -14.43 20.74 19.25
N ASN B 96 -13.86 19.66 19.80
CA ASN B 96 -14.43 18.32 19.69
C ASN B 96 -14.65 17.95 18.22
N ARG B 97 -13.59 18.08 17.43
CA ARG B 97 -13.63 17.81 16.01
C ARG B 97 -12.45 16.93 15.60
N ILE B 98 -12.63 16.24 14.48
CA ILE B 98 -11.57 15.39 13.94
C ILE B 98 -10.52 16.27 13.28
N CYS B 99 -9.28 16.14 13.72
CA CYS B 99 -8.21 16.96 13.20
C CYS B 99 -7.66 16.34 11.93
N VAL B 100 -7.65 17.10 10.84
CA VAL B 100 -7.13 16.67 9.55
C VAL B 100 -5.83 17.39 9.29
N LEU B 101 -4.79 16.65 8.93
CA LEU B 101 -3.45 17.20 8.74
C LEU B 101 -2.98 16.95 7.31
N ASP B 102 -2.23 17.92 6.78
CA ASP B 102 -1.66 17.86 5.43
C ASP B 102 -0.16 18.08 5.60
N VAL B 103 0.62 17.01 5.54
CA VAL B 103 2.06 17.06 5.70
C VAL B 103 2.70 16.26 4.57
N ASP B 104 4.02 16.39 4.47
CA ASP B 104 4.80 15.62 3.50
C ASP B 104 5.17 14.27 4.11
N LEU B 105 6.07 13.54 3.44
CA LEU B 105 6.50 12.25 3.97
C LEU B 105 7.25 12.42 5.28
N GLN B 106 8.06 13.48 5.40
CA GLN B 106 8.80 13.71 6.63
C GLN B 106 7.87 13.89 7.82
N GLY B 107 6.78 14.64 7.62
CA GLY B 107 5.83 14.84 8.71
C GLY B 107 5.15 13.56 9.14
N VAL B 108 4.78 12.71 8.18
CA VAL B 108 4.07 11.47 8.49
C VAL B 108 4.90 10.61 9.45
N ARG B 109 6.20 10.49 9.16
CA ARG B 109 7.07 9.71 10.03
C ARG B 109 7.15 10.33 11.43
N ASN B 110 7.18 11.66 11.50
CA ASN B 110 7.19 12.33 12.79
C ASN B 110 5.89 12.09 13.57
N ILE B 111 4.75 12.18 12.88
CA ILE B 111 3.46 11.94 13.53
C ILE B 111 3.36 10.49 14.02
N LYS B 112 4.10 9.57 13.39
CA LYS B 112 4.03 8.15 13.75
C LYS B 112 4.42 7.89 15.19
N ALA B 113 5.15 8.80 15.84
CA ALA B 113 5.63 8.58 17.19
C ALA B 113 5.09 9.62 18.17
N THR B 114 3.96 10.24 17.85
CA THR B 114 3.31 11.16 18.77
C THR B 114 2.16 10.43 19.48
N ASP B 115 1.38 11.17 20.25
CA ASP B 115 0.23 10.63 20.96
C ASP B 115 -1.08 10.79 20.16
N LEU B 116 -1.00 11.29 18.93
CA LEU B 116 -2.21 11.52 18.14
C LEU B 116 -2.90 10.21 17.76
N ARG B 117 -2.11 9.19 17.39
CA ARG B 117 -2.63 7.93 16.90
C ARG B 117 -3.62 8.12 15.75
N PRO B 118 -3.19 8.69 14.62
CA PRO B 118 -4.13 9.01 13.55
C PRO B 118 -4.25 7.90 12.50
N ILE B 119 -5.15 8.10 11.55
CA ILE B 119 -5.25 7.27 10.36
C ILE B 119 -4.46 7.95 9.25
N TYR B 120 -3.56 7.21 8.61
CA TYR B 120 -2.68 7.76 7.59
C TYR B 120 -3.22 7.41 6.21
N ILE B 121 -3.42 8.42 5.38
CA ILE B 121 -3.95 8.25 4.02
C ILE B 121 -2.96 8.88 3.05
N SER B 122 -2.57 8.13 2.02
CA SER B 122 -1.64 8.58 1.00
C SER B 122 -2.42 8.87 -0.28
N VAL B 123 -2.30 10.09 -0.79
CA VAL B 123 -2.90 10.48 -2.07
C VAL B 123 -1.79 10.49 -3.11
N GLN B 124 -2.01 9.79 -4.21
CA GLN B 124 -1.00 9.63 -5.24
C GLN B 124 -1.55 10.00 -6.60
N PRO B 125 -0.70 10.51 -7.49
CA PRO B 125 -1.14 10.79 -8.86
C PRO B 125 -1.08 9.52 -9.69
N PRO B 126 -1.76 9.49 -10.84
CA PRO B 126 -1.65 8.31 -11.72
C PRO B 126 -0.24 8.06 -12.20
N SER B 127 0.55 9.11 -12.43
CA SER B 127 1.92 9.01 -12.92
C SER B 127 2.60 10.35 -12.68
N LEU B 128 3.87 10.43 -13.08
CA LEU B 128 4.62 11.67 -12.91
C LEU B 128 4.21 12.73 -13.93
N HIS B 129 3.92 12.32 -15.17
CA HIS B 129 3.63 13.29 -16.21
C HIS B 129 2.28 13.97 -15.97
N VAL B 130 1.27 13.20 -15.56
CA VAL B 130 -0.03 13.80 -15.27
C VAL B 130 0.07 14.72 -14.05
N LEU B 131 0.87 14.33 -13.06
CA LEU B 131 1.08 15.18 -11.90
C LEU B 131 1.70 16.52 -12.30
N GLU B 132 2.64 16.48 -13.26
CA GLU B 132 3.23 17.72 -13.76
C GLU B 132 2.18 18.61 -14.41
N GLN B 133 1.29 18.02 -15.22
CA GLN B 133 0.25 18.81 -15.88
C GLN B 133 -0.71 19.42 -14.86
N ARG B 134 -1.03 18.69 -13.79
CA ARG B 134 -1.91 19.23 -12.76
C ARG B 134 -1.31 20.47 -12.11
N LEU B 135 -0.01 20.41 -11.78
CA LEU B 135 0.66 21.56 -11.18
C LEU B 135 0.80 22.71 -12.17
N ARG B 136 1.08 22.38 -13.44
CA ARG B 136 1.22 23.43 -14.45
C ARG B 136 -0.08 24.19 -14.64
N GLN B 137 -1.22 23.50 -14.57
CA GLN B 137 -2.51 24.16 -14.69
C GLN B 137 -2.81 25.05 -13.50
N ARG B 138 -2.16 24.81 -12.35
CA ARG B 138 -2.39 25.65 -11.18
C ARG B 138 -1.80 27.05 -11.36
N ASN B 139 -0.70 27.15 -12.11
CA ASN B 139 -0.06 28.43 -12.44
C ASN B 139 0.32 29.23 -11.18
N THR B 140 0.96 28.55 -10.24
CA THR B 140 1.48 29.19 -9.05
C THR B 140 2.99 29.06 -8.90
N GLU B 141 3.53 27.85 -9.06
CA GLU B 141 4.97 27.65 -8.95
C GLU B 141 5.68 28.08 -10.21
N THR B 142 6.92 28.53 -10.05
CA THR B 142 7.76 28.89 -11.18
C THR B 142 8.29 27.62 -11.84
N GLU B 143 9.17 27.78 -12.83
CA GLU B 143 9.73 26.61 -13.49
C GLU B 143 10.65 25.83 -12.56
N GLU B 144 11.56 26.53 -11.87
CA GLU B 144 12.49 25.86 -10.97
C GLU B 144 11.77 25.20 -9.81
N SER B 145 10.79 25.89 -9.22
CA SER B 145 10.02 25.31 -8.12
C SER B 145 9.20 24.12 -8.58
N LEU B 146 8.78 24.10 -9.85
CA LEU B 146 8.01 22.97 -10.36
C LEU B 146 8.86 21.71 -10.46
N VAL B 147 10.12 21.86 -10.86
CA VAL B 147 11.02 20.71 -10.95
C VAL B 147 11.34 20.17 -9.56
N LYS B 148 11.51 21.06 -8.59
CA LYS B 148 11.83 20.63 -7.23
C LYS B 148 10.69 19.83 -6.62
N ARG B 149 9.45 20.22 -6.90
CA ARG B 149 8.30 19.49 -6.38
C ARG B 149 8.14 18.13 -7.05
N LEU B 150 8.44 18.06 -8.34
CA LEU B 150 8.38 16.79 -9.05
C LEU B 150 9.48 15.83 -8.57
N ALA B 151 10.65 16.36 -8.23
CA ALA B 151 11.73 15.50 -7.74
C ALA B 151 11.37 14.87 -6.40
N ALA B 152 10.81 15.66 -5.47
CA ALA B 152 10.37 15.10 -4.20
C ALA B 152 9.20 14.15 -4.38
N ALA B 153 8.40 14.33 -5.43
CA ALA B 153 7.30 13.43 -5.70
C ALA B 153 7.79 12.02 -6.01
N GLN B 154 8.82 11.91 -6.86
CA GLN B 154 9.36 10.60 -7.20
C GLN B 154 9.92 9.88 -5.98
N ALA B 155 10.60 10.62 -5.10
CA ALA B 155 11.08 10.03 -3.86
C ALA B 155 9.93 9.59 -2.97
N ASP B 156 8.89 10.41 -2.87
CA ASP B 156 7.75 10.06 -2.02
C ASP B 156 6.91 8.93 -2.63
N MET B 157 6.81 8.89 -3.96
CA MET B 157 6.05 7.82 -4.59
C MET B 157 6.73 6.46 -4.39
N GLU B 158 8.05 6.44 -4.26
CA GLU B 158 8.75 5.18 -4.02
C GLU B 158 8.63 4.70 -2.59
N SER B 159 8.19 5.57 -1.67
CA SER B 159 8.03 5.21 -0.27
C SER B 159 6.58 4.87 0.08
N SER B 160 5.67 4.86 -0.89
CA SER B 160 4.28 4.52 -0.63
C SER B 160 4.07 3.02 -0.44
N LYS B 161 5.02 2.19 -0.87
CA LYS B 161 4.93 0.75 -0.75
C LYS B 161 5.53 0.21 0.54
N GLU B 162 5.98 1.09 1.42
CA GLU B 162 6.54 0.66 2.70
C GLU B 162 5.44 0.08 3.57
N PRO B 163 5.55 -1.17 4.03
CA PRO B 163 4.45 -1.78 4.79
C PRO B 163 4.26 -1.09 6.14
N GLY B 164 3.00 -0.90 6.51
CA GLY B 164 2.64 -0.29 7.76
C GLY B 164 2.73 1.21 7.79
N LEU B 165 3.08 1.86 6.68
CA LEU B 165 3.25 3.31 6.67
C LEU B 165 1.90 4.02 6.51
N PHE B 166 1.20 3.74 5.42
CA PHE B 166 -0.09 4.38 5.14
C PHE B 166 -1.20 3.34 5.27
N ASP B 167 -2.27 3.71 5.96
CA ASP B 167 -3.40 2.79 6.14
C ASP B 167 -4.20 2.67 4.85
N VAL B 168 -4.42 3.77 4.14
CA VAL B 168 -5.17 3.79 2.89
C VAL B 168 -4.34 4.54 1.85
N VAL B 169 -4.23 3.96 0.65
CA VAL B 169 -3.58 4.61 -0.48
C VAL B 169 -4.62 4.80 -1.56
N ILE B 170 -4.76 6.03 -2.03
CA ILE B 170 -5.76 6.40 -3.03
C ILE B 170 -5.05 6.98 -4.25
N ILE B 171 -5.37 6.46 -5.42
CA ILE B 171 -4.87 6.99 -6.69
C ILE B 171 -5.91 7.94 -7.24
N ASN B 172 -5.52 9.20 -7.41
CA ASN B 172 -6.45 10.26 -7.83
C ASN B 172 -6.37 10.40 -9.35
N ASP B 173 -7.28 9.72 -10.05
CA ASP B 173 -7.45 9.89 -11.48
C ASP B 173 -8.67 10.76 -11.79
N SER B 174 -9.84 10.40 -11.26
CA SER B 174 -11.01 11.26 -11.29
C SER B 174 -11.33 11.68 -9.87
N LEU B 175 -11.70 12.96 -9.70
CA LEU B 175 -11.81 13.54 -8.37
C LEU B 175 -12.91 12.87 -7.56
N ASP B 176 -14.05 12.57 -8.18
CA ASP B 176 -15.16 12.00 -7.43
C ASP B 176 -14.84 10.59 -6.96
N GLN B 177 -14.01 9.86 -7.71
CA GLN B 177 -13.61 8.52 -7.27
C GLN B 177 -12.67 8.59 -6.09
N ALA B 178 -11.65 9.45 -6.17
CA ALA B 178 -10.70 9.61 -5.07
C ALA B 178 -11.40 10.10 -3.80
N TYR B 179 -12.39 10.99 -3.96
CA TYR B 179 -13.18 11.44 -2.82
C TYR B 179 -14.06 10.33 -2.27
N ALA B 180 -14.59 9.47 -3.16
CA ALA B 180 -15.47 8.39 -2.71
C ALA B 180 -14.73 7.43 -1.78
N GLU B 181 -13.46 7.13 -2.09
CA GLU B 181 -12.67 6.27 -1.21
C GLU B 181 -12.36 6.96 0.11
N LEU B 182 -12.21 8.29 0.10
CA LEU B 182 -11.93 9.02 1.34
C LEU B 182 -13.10 8.89 2.31
N LYS B 183 -14.34 9.01 1.83
CA LYS B 183 -15.50 8.93 2.71
C LYS B 183 -15.65 7.53 3.29
N GLU B 184 -15.51 6.49 2.47
CA GLU B 184 -15.69 5.12 2.96
C GLU B 184 -14.63 4.76 4.00
N ALA B 185 -13.38 5.20 3.78
CA ALA B 185 -12.33 4.91 4.74
C ALA B 185 -12.60 5.55 6.09
N LEU B 186 -13.33 6.66 6.11
CA LEU B 186 -13.71 7.35 7.34
C LEU B 186 -15.20 7.20 7.64
N SER B 187 -15.87 6.25 6.98
CA SER B 187 -17.32 6.12 7.13
C SER B 187 -17.70 5.77 8.57
N GLU B 188 -16.94 4.87 9.20
CA GLU B 188 -17.23 4.51 10.58
C GLU B 188 -17.06 5.71 11.52
N GLU B 189 -15.99 6.49 11.33
CA GLU B 189 -15.74 7.62 12.22
C GLU B 189 -16.65 8.80 11.92
N ILE B 190 -16.95 9.04 10.65
CA ILE B 190 -17.86 10.14 10.29
C ILE B 190 -19.24 9.88 10.87
N LYS B 191 -19.74 8.65 10.72
CA LYS B 191 -21.03 8.30 11.30
C LYS B 191 -20.97 8.38 12.82
N LYS B 192 -19.84 8.04 13.42
CA LYS B 192 -19.70 8.13 14.87
C LYS B 192 -19.83 9.58 15.34
N ALA B 193 -19.21 10.52 14.61
CA ALA B 193 -19.35 11.92 14.94
C ALA B 193 -20.69 12.50 14.52
N GLN B 194 -21.41 11.82 13.62
CA GLN B 194 -22.74 12.26 13.20
C GLN B 194 -23.81 11.80 14.18
#